data_5URP
#
_entry.id   5URP
#
_cell.length_a   46.920
_cell.length_b   53.970
_cell.length_c   98.180
_cell.angle_alpha   90.00
_cell.angle_beta   90.00
_cell.angle_gamma   90.00
#
_symmetry.space_group_name_H-M   'P 21 21 21'
#
loop_
_entity.id
_entity.type
_entity.pdbx_description
1 polymer 'Toxin 2A'
2 non-polymer GLYCEROL
3 water water
#
_entity_poly.entity_id   1
_entity_poly.type   'polypeptide(L)'
_entity_poly.pdbx_seq_one_letter_code
;MGSSHHHHHHSSGENLYFQGSHMIDFRIDKEKAKKWGKKEYSKWKSTLTEEEKRQITLYTRNASPINTYLREEGIGSKPD
MDKKIELIDKALIKTKLKDSVTVYRGTDGIIFGKEFQNTLMNGNKVNGEVAKKIKKEFEGTMLLERGYLSTSLVNGTLFL
ARPVLIELKIPKGGNAGYVDPISYYPGQLEMLLPRDTKYYIDNIKIIVNGGSQRLKVEARVLS
;
_entity_poly.pdbx_strand_id   A
#
# COMPACT_ATOMS: atom_id res chain seq x y z
N MET A 23 -7.43 17.20 -4.01
CA MET A 23 -6.82 16.07 -3.31
C MET A 23 -7.58 15.80 -2.01
N ILE A 24 -7.99 14.57 -1.87
CA ILE A 24 -8.67 14.07 -0.67
C ILE A 24 -7.64 13.42 0.24
N ASP A 25 -7.69 13.77 1.52
CA ASP A 25 -6.84 13.14 2.52
C ASP A 25 -7.66 13.05 3.80
N PHE A 26 -8.07 11.84 4.15
CA PHE A 26 -8.92 11.60 5.31
C PHE A 26 -8.17 11.59 6.62
N ARG A 27 -6.85 11.55 6.59
CA ARG A 27 -6.00 11.61 7.77
C ARG A 27 -6.42 10.46 8.68
N ILE A 28 -7.01 10.69 9.86
CA ILE A 28 -7.44 9.59 10.73
C ILE A 28 -8.95 9.48 10.80
N ASP A 29 -9.69 10.16 9.92
CA ASP A 29 -11.16 10.23 10.04
C ASP A 29 -11.76 9.02 9.35
N LYS A 30 -11.89 7.94 10.12
CA LYS A 30 -12.35 6.66 9.58
C LYS A 30 -13.80 6.74 9.10
N GLU A 31 -14.65 7.50 9.79
CA GLU A 31 -16.06 7.52 9.37
C GLU A 31 -16.23 8.23 8.03
N LYS A 32 -15.56 9.37 7.84
CA LYS A 32 -15.58 10.03 6.53
C LYS A 32 -14.97 9.15 5.44
N ALA A 33 -13.84 8.50 5.73
CA ALA A 33 -13.15 7.68 4.74
C ALA A 33 -14.03 6.52 4.29
N LYS A 34 -14.71 5.88 5.23
CA LYS A 34 -15.55 4.74 4.92
C LYS A 34 -16.68 5.12 3.96
N LYS A 35 -17.30 6.28 4.18
CA LYS A 35 -18.39 6.71 3.28
C LYS A 35 -17.89 6.93 1.85
N TRP A 36 -16.71 7.56 1.70
CA TRP A 36 -16.14 7.82 0.39
C TRP A 36 -15.77 6.52 -0.30
N GLY A 37 -15.10 5.63 0.44
CA GLY A 37 -14.65 4.39 -0.17
C GLY A 37 -15.80 3.51 -0.62
N LYS A 38 -16.88 3.47 0.17
CA LYS A 38 -18.04 2.66 -0.20
C LYS A 38 -18.68 3.12 -1.51
N LYS A 39 -18.62 4.42 -1.81
CA LYS A 39 -19.13 4.91 -3.09
C LYS A 39 -18.30 4.40 -4.25
N GLU A 40 -16.97 4.36 -4.07
CA GLU A 40 -16.10 3.77 -5.07
C GLU A 40 -16.37 2.26 -5.20
N TYR A 41 -16.54 1.57 -4.06
CA TYR A 41 -16.79 0.12 -4.11
C TYR A 41 -18.13 -0.18 -4.76
N SER A 42 -19.15 0.63 -4.45
CA SER A 42 -20.49 0.37 -4.97
C SER A 42 -20.46 0.32 -6.49
N LYS A 43 -19.68 1.18 -7.12
CA LYS A 43 -19.65 1.17 -8.58
C LYS A 43 -18.81 0.01 -9.08
N TRP A 44 -17.71 -0.28 -8.41
CA TRP A 44 -16.83 -1.37 -8.80
C TRP A 44 -17.53 -2.71 -8.72
N LYS A 45 -18.36 -2.91 -7.67
CA LYS A 45 -18.85 -4.26 -7.40
C LYS A 45 -19.74 -4.80 -8.53
N SER A 46 -20.46 -3.93 -9.23
CA SER A 46 -21.31 -4.45 -10.30
C SER A 46 -20.52 -4.91 -11.52
N THR A 47 -19.23 -4.61 -11.57
CA THR A 47 -18.37 -5.10 -12.66
C THR A 47 -17.62 -6.35 -12.29
N LEU A 48 -17.55 -6.69 -11.02
CA LEU A 48 -16.75 -7.81 -10.51
C LEU A 48 -17.49 -9.12 -10.65
N THR A 49 -16.75 -10.17 -11.00
CA THR A 49 -17.32 -11.52 -11.02
C THR A 49 -17.21 -12.11 -9.62
N GLU A 50 -18.00 -13.14 -9.36
CA GLU A 50 -17.95 -13.78 -8.05
C GLU A 50 -16.55 -14.33 -7.75
N GLU A 51 -15.89 -14.93 -8.74
CA GLU A 51 -14.55 -15.45 -8.52
C GLU A 51 -13.53 -14.34 -8.27
N GLU A 52 -13.69 -13.17 -8.92
CA GLU A 52 -12.81 -12.05 -8.62
C GLU A 52 -12.99 -11.61 -7.17
N LYS A 53 -14.23 -11.42 -6.73
CA LYS A 53 -14.49 -11.04 -5.34
C LYS A 53 -13.85 -12.03 -4.38
N ARG A 54 -14.01 -13.32 -4.62
CA ARG A 54 -13.46 -14.33 -3.73
C ARG A 54 -11.94 -14.23 -3.64
N GLN A 55 -11.27 -14.01 -4.77
CA GLN A 55 -9.80 -13.93 -4.73
C GLN A 55 -9.34 -12.68 -4.02
N ILE A 56 -10.06 -11.57 -4.15
CA ILE A 56 -9.73 -10.37 -3.38
C ILE A 56 -9.85 -10.66 -1.90
N THR A 57 -10.95 -11.29 -1.48
CA THR A 57 -11.12 -11.64 -0.07
C THR A 57 -9.95 -12.51 0.41
N LEU A 58 -9.59 -13.52 -0.40
CA LEU A 58 -8.55 -14.45 0.03
C LEU A 58 -7.20 -13.77 0.10
N TYR A 59 -6.93 -12.82 -0.80
CA TYR A 59 -5.73 -12.02 -0.71
C TYR A 59 -5.70 -11.26 0.62
N THR A 60 -6.81 -10.59 0.97
CA THR A 60 -6.81 -9.80 2.20
C THR A 60 -6.66 -10.69 3.43
N ARG A 61 -7.10 -11.95 3.32
CA ARG A 61 -6.98 -12.87 4.45
C ARG A 61 -5.54 -13.24 4.72
N ASN A 62 -4.74 -13.38 3.66
CA ASN A 62 -3.36 -13.78 3.81
C ASN A 62 -2.63 -13.32 2.54
N ALA A 63 -2.11 -12.10 2.58
CA ALA A 63 -1.49 -11.52 1.38
C ALA A 63 -0.05 -11.97 1.16
N SER A 64 0.64 -12.45 2.18
CA SER A 64 2.08 -12.67 2.07
C SER A 64 2.47 -13.71 1.03
N PRO A 65 1.76 -14.83 0.86
CA PRO A 65 2.18 -15.80 -0.16
C PRO A 65 2.19 -15.25 -1.57
N ILE A 66 1.10 -14.57 -1.94
CA ILE A 66 1.02 -13.96 -3.26
C ILE A 66 2.11 -12.91 -3.43
N ASN A 67 2.27 -12.02 -2.44
CA ASN A 67 3.21 -10.92 -2.63
C ASN A 67 4.65 -11.41 -2.62
N THR A 68 4.97 -12.36 -1.75
CA THR A 68 6.29 -12.97 -1.76
C THR A 68 6.56 -13.65 -3.09
N TYR A 69 5.57 -14.36 -3.60
CA TYR A 69 5.74 -15.03 -4.88
C TYR A 69 6.07 -14.00 -5.97
N LEU A 70 5.34 -12.90 -6.00
CA LEU A 70 5.56 -11.90 -7.04
C LEU A 70 6.92 -11.22 -6.87
N ARG A 71 7.34 -10.97 -5.64
CA ARG A 71 8.62 -10.33 -5.37
C ARG A 71 9.81 -11.23 -5.66
N GLU A 72 9.66 -12.54 -5.40
CA GLU A 72 10.79 -13.46 -5.39
C GLU A 72 10.84 -14.42 -6.58
N GLU A 73 9.69 -14.92 -7.03
CA GLU A 73 9.64 -15.92 -8.10
C GLU A 73 9.13 -15.36 -9.41
N GLY A 74 8.11 -14.53 -9.37
CA GLY A 74 7.50 -13.99 -10.56
C GLY A 74 6.57 -14.99 -11.22
N ILE A 75 5.74 -14.45 -12.13
CA ILE A 75 4.77 -15.24 -12.86
C ILE A 75 5.46 -16.36 -13.63
N GLY A 76 4.75 -17.49 -13.77
CA GLY A 76 5.23 -18.63 -14.52
C GLY A 76 5.66 -19.81 -13.66
N SER A 77 5.95 -19.58 -12.39
CA SER A 77 6.49 -20.62 -11.53
C SER A 77 5.42 -21.61 -11.09
N LYS A 78 4.36 -21.12 -10.47
CA LYS A 78 3.28 -21.96 -9.91
C LYS A 78 1.95 -21.62 -10.57
N PRO A 79 1.36 -22.52 -11.37
CA PRO A 79 0.18 -22.14 -12.15
C PRO A 79 -1.03 -21.75 -11.31
N ASP A 80 -1.22 -22.38 -10.15
CA ASP A 80 -2.35 -22.03 -9.30
C ASP A 80 -2.19 -20.63 -8.73
N MET A 81 -0.96 -20.23 -8.40
CA MET A 81 -0.73 -18.86 -7.99
C MET A 81 -0.97 -17.89 -9.14
N ASP A 82 -0.50 -18.23 -10.34
CA ASP A 82 -0.67 -17.34 -11.49
C ASP A 82 -2.15 -17.11 -11.77
N LYS A 83 -2.98 -18.14 -11.60
CA LYS A 83 -4.42 -18.02 -11.78
C LYS A 83 -5.03 -17.01 -10.82
N LYS A 84 -4.61 -17.04 -9.56
CA LYS A 84 -5.09 -16.05 -8.60
C LYS A 84 -4.69 -14.65 -9.00
N ILE A 85 -3.44 -14.49 -9.44
CA ILE A 85 -2.91 -13.18 -9.79
C ILE A 85 -3.60 -12.63 -11.04
N GLU A 86 -3.92 -13.50 -12.00
CA GLU A 86 -4.68 -13.08 -13.17
C GLU A 86 -6.05 -12.52 -12.78
N LEU A 87 -6.71 -13.15 -11.80
CA LEU A 87 -8.03 -12.70 -11.38
C LEU A 87 -7.96 -11.35 -10.67
N ILE A 88 -7.01 -11.20 -9.73
CA ILE A 88 -6.87 -9.91 -9.06
C ILE A 88 -6.49 -8.82 -10.05
N ASP A 89 -5.56 -9.13 -10.97
CA ASP A 89 -5.15 -8.14 -11.98
C ASP A 89 -6.36 -7.66 -12.76
N LYS A 90 -7.18 -8.61 -13.20
CA LYS A 90 -8.35 -8.31 -14.01
C LYS A 90 -9.36 -7.51 -13.23
N ALA A 91 -9.48 -7.76 -11.91
CA ALA A 91 -10.41 -7.01 -11.09
C ALA A 91 -9.96 -5.56 -10.91
N LEU A 92 -8.67 -5.31 -10.71
CA LEU A 92 -8.27 -3.95 -10.37
C LEU A 92 -8.34 -3.00 -11.55
N ILE A 93 -8.28 -3.48 -12.79
CA ILE A 93 -8.44 -2.55 -13.93
C ILE A 93 -9.88 -2.19 -14.19
N LYS A 94 -10.81 -2.73 -13.42
CA LYS A 94 -12.22 -2.40 -13.54
C LYS A 94 -12.63 -1.18 -12.70
N THR A 95 -11.69 -0.49 -12.09
CA THR A 95 -12.10 0.72 -11.39
C THR A 95 -11.06 1.80 -11.60
N LYS A 96 -11.51 3.02 -11.42
CA LYS A 96 -10.73 4.23 -11.71
C LYS A 96 -11.16 5.25 -10.67
N LEU A 97 -10.20 5.93 -10.06
CA LEU A 97 -10.54 6.93 -9.04
C LEU A 97 -11.20 8.13 -9.70
N LYS A 98 -12.32 8.57 -9.12
CA LYS A 98 -12.96 9.81 -9.53
C LYS A 98 -12.19 11.03 -9.02
N ASP A 99 -11.53 10.92 -7.86
CA ASP A 99 -10.77 12.02 -7.30
C ASP A 99 -9.38 11.52 -6.96
N SER A 100 -8.40 12.45 -6.91
CA SER A 100 -7.10 12.05 -6.37
C SER A 100 -7.23 11.88 -4.87
N VAL A 101 -6.44 10.95 -4.33
CA VAL A 101 -6.59 10.62 -2.90
C VAL A 101 -5.25 10.23 -2.33
N THR A 102 -5.09 10.54 -1.03
CA THR A 102 -3.93 10.16 -0.26
C THR A 102 -4.24 8.88 0.49
N VAL A 103 -3.31 7.94 0.44
CA VAL A 103 -3.42 6.70 1.20
C VAL A 103 -2.15 6.51 2.02
N TYR A 104 -2.23 5.59 2.96
CA TYR A 104 -1.17 5.37 3.96
C TYR A 104 -0.78 3.91 4.01
N ARG A 105 0.51 3.66 4.26
CA ARG A 105 0.97 2.28 4.39
C ARG A 105 2.11 2.25 5.40
N GLY A 106 1.92 1.48 6.47
CA GLY A 106 3.03 1.20 7.37
C GLY A 106 3.83 0.01 6.87
N THR A 107 5.15 0.13 6.93
CA THR A 107 5.99 -0.98 6.51
C THR A 107 7.32 -0.87 7.24
N ASP A 108 8.36 -1.51 6.70
CA ASP A 108 9.70 -1.36 7.27
C ASP A 108 10.67 -1.06 6.14
N GLY A 109 11.95 -1.19 6.43
CA GLY A 109 12.99 -0.79 5.50
C GLY A 109 13.10 -1.61 4.25
N ILE A 110 12.30 -2.67 4.12
CA ILE A 110 12.38 -3.54 2.96
C ILE A 110 12.19 -2.76 1.67
N ILE A 111 11.37 -1.72 1.68
CA ILE A 111 11.11 -0.99 0.44
C ILE A 111 12.39 -0.41 -0.13
N PHE A 112 13.43 -0.30 0.68
CA PHE A 112 14.71 0.24 0.25
C PHE A 112 15.70 -0.85 -0.13
N GLY A 113 15.25 -2.09 -0.15
CA GLY A 113 16.11 -3.25 -0.32
C GLY A 113 16.31 -3.98 0.99
N LYS A 114 16.50 -5.30 0.88
CA LYS A 114 16.65 -6.13 2.07
C LYS A 114 17.79 -5.67 2.96
N GLU A 115 18.79 -4.99 2.42
CA GLU A 115 19.95 -4.63 3.22
C GLU A 115 19.62 -3.56 4.24
N PHE A 116 18.65 -2.68 3.94
CA PHE A 116 18.30 -1.59 4.83
C PHE A 116 17.33 -2.04 5.93
N GLN A 117 16.54 -3.08 5.65
CA GLN A 117 15.67 -3.66 6.64
C GLN A 117 16.45 -4.01 7.90
N ASN A 118 15.90 -3.65 9.06
CA ASN A 118 16.47 -3.97 10.37
C ASN A 118 17.70 -3.12 10.69
N THR A 119 18.01 -2.12 9.86
CA THR A 119 19.07 -1.17 10.13
C THR A 119 18.54 0.20 10.53
N LEU A 120 17.23 0.41 10.41
CA LEU A 120 16.69 1.76 10.55
C LEU A 120 16.63 2.19 12.01
N MET A 121 16.34 1.26 12.91
CA MET A 121 15.98 1.60 14.27
C MET A 121 17.10 1.26 15.23
N ASN A 122 17.32 2.16 16.18
CA ASN A 122 18.11 1.90 17.38
C ASN A 122 17.12 2.10 18.52
N GLY A 123 16.47 1.01 18.92
CA GLY A 123 15.40 1.10 19.90
C GLY A 123 14.23 1.87 19.35
N ASN A 124 13.76 2.86 20.11
CA ASN A 124 12.62 3.67 19.71
C ASN A 124 13.02 4.91 18.90
N LYS A 125 14.29 5.04 18.55
CA LYS A 125 14.79 6.19 17.81
C LYS A 125 15.26 5.74 16.43
N VAL A 126 15.05 6.56 15.43
CA VAL A 126 15.60 6.26 14.11
C VAL A 126 17.10 6.56 14.15
N ASN A 127 17.89 5.65 13.61
CA ASN A 127 19.33 5.87 13.46
C ASN A 127 19.56 7.02 12.48
N GLY A 128 20.09 8.14 12.99
CA GLY A 128 20.15 9.36 12.18
C GLY A 128 21.08 9.25 10.99
N GLU A 129 22.17 8.51 11.14
CA GLU A 129 23.06 8.32 10.00
C GLU A 129 22.40 7.47 8.92
N VAL A 130 21.67 6.43 9.31
CA VAL A 130 20.99 5.60 8.32
C VAL A 130 19.90 6.41 7.64
N ALA A 131 19.17 7.22 8.41
CA ALA A 131 18.11 8.04 7.81
C ALA A 131 18.68 9.01 6.78
N LYS A 132 19.80 9.66 7.10
CA LYS A 132 20.43 10.57 6.15
C LYS A 132 20.86 9.85 4.88
N LYS A 133 21.47 8.66 5.01
CA LYS A 133 21.88 7.91 3.83
C LYS A 133 20.67 7.48 2.99
N ILE A 134 19.60 7.04 3.64
CA ILE A 134 18.39 6.65 2.90
C ILE A 134 17.81 7.85 2.18
N LYS A 135 17.79 9.01 2.84
CA LYS A 135 17.32 10.23 2.20
C LYS A 135 18.15 10.54 0.96
N LYS A 136 19.47 10.60 1.13
CA LYS A 136 20.33 10.95 0.00
C LYS A 136 20.19 9.94 -1.14
N GLU A 137 19.97 8.66 -0.82
CA GLU A 137 19.98 7.61 -1.83
C GLU A 137 18.64 7.46 -2.55
N PHE A 138 17.50 7.75 -1.89
CA PHE A 138 16.19 7.39 -2.41
C PHE A 138 15.27 8.58 -2.66
N GLU A 139 15.50 9.73 -2.05
CA GLU A 139 14.69 10.89 -2.39
C GLU A 139 14.94 11.24 -3.85
N GLY A 140 13.86 11.52 -4.56
CA GLY A 140 13.96 11.83 -5.97
C GLY A 140 14.21 10.63 -6.84
N THR A 141 13.80 9.45 -6.39
CA THR A 141 13.91 8.24 -7.19
C THR A 141 12.56 7.56 -7.23
N MET A 142 12.39 6.72 -8.25
CA MET A 142 11.20 5.90 -8.38
C MET A 142 11.44 4.54 -7.72
N LEU A 143 10.46 4.07 -6.96
CA LEU A 143 10.41 2.70 -6.47
C LEU A 143 9.37 1.91 -7.27
N LEU A 144 9.58 0.59 -7.33
CA LEU A 144 8.71 -0.32 -8.08
C LEU A 144 8.36 -1.47 -7.13
N GLU A 145 7.07 -1.64 -6.85
CA GLU A 145 6.60 -2.71 -5.98
C GLU A 145 6.09 -3.87 -6.82
N ARG A 146 6.78 -5.01 -6.74
CA ARG A 146 6.40 -6.17 -7.53
C ARG A 146 5.16 -6.89 -7.02
N GLY A 147 4.91 -6.90 -5.69
CA GLY A 147 3.65 -7.42 -5.19
C GLY A 147 2.52 -6.44 -5.39
N TYR A 148 1.32 -6.82 -4.97
CA TYR A 148 0.27 -5.83 -4.85
C TYR A 148 0.60 -4.84 -3.73
N LEU A 149 0.05 -3.65 -3.83
CA LEU A 149 0.33 -2.59 -2.87
C LEU A 149 -0.93 -2.31 -2.08
N SER A 150 -0.98 -2.86 -0.86
CA SER A 150 -2.07 -2.65 0.07
C SER A 150 -1.81 -1.37 0.86
N THR A 151 -2.79 -0.48 0.88
CA THR A 151 -2.71 0.80 1.55
C THR A 151 -4.04 1.03 2.26
N SER A 152 -4.14 2.10 3.03
CA SER A 152 -5.37 2.44 3.74
C SER A 152 -5.76 3.88 3.49
N LEU A 153 -7.07 4.13 3.48
CA LEU A 153 -7.57 5.50 3.39
C LEU A 153 -7.27 6.31 4.63
N VAL A 154 -6.98 5.67 5.74
CA VAL A 154 -6.64 6.40 6.95
C VAL A 154 -5.28 5.96 7.46
N ASN A 155 -4.70 6.84 8.26
CA ASN A 155 -3.41 6.58 8.90
C ASN A 155 -3.73 5.88 10.22
N GLY A 156 -3.92 4.56 10.14
CA GLY A 156 -4.49 3.81 11.26
C GLY A 156 -3.49 3.59 12.37
N THR A 157 -4.02 3.24 13.56
CA THR A 157 -3.17 3.03 14.71
C THR A 157 -2.18 1.89 14.49
N LEU A 158 -2.52 0.91 13.66
CA LEU A 158 -1.59 -0.19 13.41
C LEU A 158 -0.25 0.31 12.87
N PHE A 159 -0.23 1.47 12.22
CA PHE A 159 1.00 1.96 11.65
C PHE A 159 1.94 2.58 12.67
N LEU A 160 1.46 2.89 13.89
CA LEU A 160 2.30 3.47 14.92
C LEU A 160 3.44 2.54 15.30
N ALA A 161 3.25 1.24 15.18
CA ALA A 161 4.26 0.27 15.59
C ALA A 161 5.18 -0.12 14.45
N ARG A 162 5.06 0.51 13.28
CA ARG A 162 5.91 0.16 12.16
CA ARG A 162 5.90 0.16 12.14
C ARG A 162 6.97 1.24 11.93
N PRO A 163 8.17 0.87 11.48
CA PRO A 163 9.25 1.88 11.42
C PRO A 163 9.19 2.84 10.25
N VAL A 164 8.46 2.49 9.19
CA VAL A 164 8.31 3.34 8.01
C VAL A 164 6.83 3.62 7.79
N LEU A 165 6.51 4.89 7.53
CA LEU A 165 5.16 5.32 7.18
C LEU A 165 5.23 5.93 5.79
N ILE A 166 4.49 5.37 4.85
CA ILE A 166 4.42 5.92 3.50
C ILE A 166 3.10 6.66 3.39
N GLU A 167 3.17 7.91 2.94
CA GLU A 167 2.01 8.71 2.56
C GLU A 167 2.04 8.81 1.04
N LEU A 168 1.05 8.21 0.37
CA LEU A 168 1.10 8.02 -1.08
C LEU A 168 -0.05 8.75 -1.74
N LYS A 169 0.24 9.57 -2.75
CA LYS A 169 -0.81 10.25 -3.48
C LYS A 169 -1.15 9.43 -4.71
N ILE A 170 -2.42 9.12 -4.91
CA ILE A 170 -2.88 8.37 -6.07
C ILE A 170 -3.64 9.37 -6.97
N PRO A 171 -3.27 9.52 -8.24
CA PRO A 171 -3.94 10.52 -9.07
C PRO A 171 -5.32 10.10 -9.52
N LYS A 172 -6.17 11.10 -9.76
CA LYS A 172 -7.47 10.84 -10.35
C LYS A 172 -7.28 10.05 -11.63
N GLY A 173 -8.19 9.10 -11.86
CA GLY A 173 -8.06 8.20 -13.01
C GLY A 173 -7.19 7.00 -12.75
N GLY A 174 -6.51 6.94 -11.60
CA GLY A 174 -5.66 5.82 -11.30
C GLY A 174 -6.46 4.59 -10.95
N ASN A 175 -5.83 3.42 -11.09
CA ASN A 175 -6.47 2.16 -10.72
C ASN A 175 -6.16 1.92 -9.25
N ALA A 176 -7.21 1.83 -8.44
CA ALA A 176 -7.10 1.49 -7.03
C ALA A 176 -8.50 1.10 -6.57
N GLY A 177 -8.59 0.03 -5.80
CA GLY A 177 -9.89 -0.53 -5.44
C GLY A 177 -10.09 -0.50 -3.96
N TYR A 178 -11.26 -0.04 -3.53
CA TYR A 178 -11.60 -0.01 -2.11
C TYR A 178 -12.17 -1.38 -1.76
N VAL A 179 -11.40 -2.19 -1.03
CA VAL A 179 -11.77 -3.58 -0.82
C VAL A 179 -12.35 -3.86 0.57
N ASP A 180 -12.47 -2.85 1.44
CA ASP A 180 -12.95 -3.11 2.80
C ASP A 180 -14.28 -3.86 2.87
N PRO A 181 -15.24 -3.62 1.99
CA PRO A 181 -16.52 -4.33 2.13
C PRO A 181 -16.44 -5.82 1.89
N ILE A 182 -15.38 -6.33 1.25
CA ILE A 182 -15.19 -7.77 1.08
C ILE A 182 -13.87 -8.25 1.69
N SER A 183 -13.21 -7.40 2.47
CA SER A 183 -11.97 -7.79 3.08
C SER A 183 -12.21 -8.77 4.20
N TYR A 184 -11.24 -9.63 4.41
CA TYR A 184 -11.24 -10.51 5.57
C TYR A 184 -11.06 -9.75 6.88
N TYR A 185 -10.52 -8.51 6.81
CA TYR A 185 -10.26 -7.66 7.98
C TYR A 185 -10.99 -6.33 7.80
N PRO A 186 -12.31 -6.35 7.90
CA PRO A 186 -13.07 -5.10 7.81
C PRO A 186 -12.63 -4.12 8.90
N GLY A 187 -12.51 -2.86 8.52
CA GLY A 187 -11.98 -1.81 9.34
C GLY A 187 -10.59 -1.36 8.94
N GLN A 188 -9.90 -2.12 8.07
CA GLN A 188 -8.60 -1.69 7.62
C GLN A 188 -8.70 -0.58 6.58
N LEU A 189 -9.89 -0.40 6.01
CA LEU A 189 -10.18 0.64 4.99
C LEU A 189 -9.16 0.58 3.85
N GLU A 190 -8.94 -0.63 3.35
CA GLU A 190 -7.86 -0.88 2.42
C GLU A 190 -8.19 -0.42 0.99
N MET A 191 -7.24 0.30 0.40
CA MET A 191 -7.21 0.60 -1.02
C MET A 191 -6.12 -0.28 -1.61
N LEU A 192 -6.49 -1.13 -2.56
CA LEU A 192 -5.56 -2.08 -3.14
C LEU A 192 -5.13 -1.58 -4.49
N LEU A 193 -3.82 -1.44 -4.68
CA LEU A 193 -3.28 -0.95 -5.95
C LEU A 193 -2.68 -2.11 -6.72
N PRO A 194 -2.64 -2.01 -8.05
CA PRO A 194 -2.10 -3.08 -8.88
C PRO A 194 -0.67 -3.43 -8.53
N ARG A 195 -0.31 -4.68 -8.82
CA ARG A 195 1.09 -5.05 -8.76
C ARG A 195 1.90 -4.26 -9.79
N ASP A 196 3.21 -4.18 -9.56
CA ASP A 196 4.14 -3.41 -10.36
C ASP A 196 3.81 -1.91 -10.34
N THR A 197 3.28 -1.41 -9.24
CA THR A 197 3.06 0.02 -9.11
C THR A 197 4.39 0.75 -8.97
N LYS A 198 4.50 1.84 -9.70
CA LYS A 198 5.64 2.75 -9.68
C LYS A 198 5.27 3.95 -8.84
N TYR A 199 6.13 4.32 -7.89
CA TYR A 199 5.86 5.52 -7.11
C TYR A 199 7.15 6.30 -6.90
N TYR A 200 7.02 7.60 -6.98
CA TYR A 200 8.15 8.52 -6.93
C TYR A 200 8.23 9.14 -5.55
N ILE A 201 9.43 9.13 -4.98
CA ILE A 201 9.65 9.65 -3.63
C ILE A 201 9.99 11.15 -3.68
N ASP A 202 9.07 11.96 -3.19
CA ASP A 202 9.25 13.40 -3.08
C ASP A 202 10.05 13.79 -1.83
N ASN A 203 9.84 13.11 -0.70
CA ASN A 203 10.49 13.52 0.53
C ASN A 203 10.62 12.35 1.48
N ILE A 204 11.74 12.31 2.21
CA ILE A 204 11.96 11.36 3.31
C ILE A 204 12.44 12.15 4.52
N LYS A 205 11.82 11.92 5.68
CA LYS A 205 12.26 12.59 6.90
C LYS A 205 11.94 11.73 8.09
N ILE A 206 12.60 12.02 9.21
CA ILE A 206 12.29 11.39 10.49
C ILE A 206 11.12 12.12 11.11
N ILE A 207 10.13 11.36 11.58
CA ILE A 207 9.05 11.88 12.40
C ILE A 207 9.15 11.26 13.80
N VAL A 208 8.62 11.97 14.79
CA VAL A 208 8.85 11.59 16.18
C VAL A 208 7.58 11.51 16.99
N ASN A 209 6.44 11.52 16.31
CA ASN A 209 5.20 11.48 17.08
C ASN A 209 4.93 10.07 17.59
N GLY A 210 4.09 10.00 18.62
CA GLY A 210 3.90 8.78 19.37
C GLY A 210 5.13 8.43 20.17
N GLY A 211 5.21 7.14 20.53
CA GLY A 211 6.26 6.69 21.40
C GLY A 211 7.49 6.16 20.70
N SER A 212 7.51 6.13 19.37
CA SER A 212 8.68 5.68 18.63
C SER A 212 8.82 6.52 17.37
N GLN A 213 10.05 6.88 17.06
CA GLN A 213 10.34 7.61 15.83
C GLN A 213 10.18 6.69 14.64
N ARG A 214 9.89 7.32 13.50
CA ARG A 214 9.69 6.58 12.25
C ARG A 214 10.29 7.38 11.11
N LEU A 215 10.52 6.68 10.01
CA LEU A 215 10.87 7.33 8.76
C LEU A 215 9.60 7.53 7.95
N LYS A 216 9.32 8.76 7.56
CA LYS A 216 8.15 9.09 6.77
C LYS A 216 8.57 9.30 5.32
N VAL A 217 7.88 8.63 4.42
CA VAL A 217 8.15 8.67 2.98
C VAL A 217 6.92 9.29 2.33
N GLU A 218 7.10 10.39 1.63
CA GLU A 218 6.01 11.04 0.91
C GLU A 218 6.24 10.76 -0.56
N ALA A 219 5.26 10.15 -1.21
CA ALA A 219 5.45 9.65 -2.57
C ALA A 219 4.17 9.83 -3.39
N ARG A 220 4.34 9.73 -4.71
CA ARG A 220 3.26 9.85 -5.69
C ARG A 220 3.24 8.59 -6.56
N VAL A 221 2.06 8.02 -6.74
CA VAL A 221 1.87 7.00 -7.76
C VAL A 221 1.91 7.67 -9.11
N LEU A 222 2.64 7.08 -10.03
CA LEU A 222 2.65 7.50 -11.41
C LEU A 222 1.72 6.57 -12.18
N SER A 223 0.71 7.15 -12.81
CA SER A 223 -0.33 6.33 -13.45
C SER A 223 -0.44 6.62 -14.94
#